data_5ZMN
#
_entry.id   5ZMN
#
_cell.length_a   122.340
_cell.length_b   122.340
_cell.length_c   313.691
_cell.angle_alpha   90.000
_cell.angle_beta   90.000
_cell.angle_gamma   90.000
#
_symmetry.space_group_name_H-M   'I 41 2 2'
#
loop_
_entity.id
_entity.type
_entity.pdbx_description
1 polymer 'Uncharacterized protein McrA'
2 polymer "DNA (5'-D(*CP*CP*CP*GP*(GS)P*CP*CP*GP*GP*G)-3')"
3 non-polymer 'SULFATE ION'
4 water water
#
loop_
_entity_poly.entity_id
_entity_poly.type
_entity_poly.pdbx_seq_one_letter_code
_entity_poly.pdbx_strand_id
1 'polypeptide(L)'
;GSREAPKTFHRRVGDVRPARRAMGPALHRPVLLLWAIGQAVARAPRLQPWSTTRDAVAPLMEKYGQVEDGVDGVRYPFWA
LVRDDLWCVEQAEELTLTSRGRRPTLESLNAVDPSAGLREDDYNLLRSQPEAAASAAAGLIARYFHLLPAGLLEDFGLHE
LLAGRWPDALRPLLGETFKDRDAIWRAYGGQKMAGIGCLADGILSAFSDDKGPYADGRIPDTTWIAYVGDGLSGDQKLTD
GNELMAEHQAVGRALRYWHKPFQGQWSFETWAVIVQRRLRWGLGEDKLPRREFLWVLAPVPSPERETWPPEVLEALEADT
GELHDDTGDYRPSDLALTPGAPDGTESDDEAYRR
;
A
2 'polydeoxyribonucleotide' (DC)(DC)(DC)(DG)(GS)(DC)(DC)(DG)(DG)(DG) B,C
#
# COMPACT_ATOMS: atom_id res chain seq x y z
N LYS A 7 -0.30 -16.68 5.74
CA LYS A 7 -0.24 -17.10 7.17
C LYS A 7 0.37 -16.02 7.99
N THR A 8 1.62 -15.71 7.65
CA THR A 8 2.54 -14.60 8.42
C THR A 8 1.69 -13.24 8.64
N PHE A 9 1.59 -12.81 9.87
CA PHE A 9 0.80 -11.66 10.13
C PHE A 9 1.12 -10.51 9.21
N HIS A 10 2.42 -10.39 8.96
CA HIS A 10 2.92 -9.43 7.98
C HIS A 10 2.26 -9.50 6.60
N ARG A 11 2.17 -10.72 6.08
CA ARG A 11 1.38 -11.08 4.89
C ARG A 11 -0.04 -10.62 4.98
N ARG A 12 -0.78 -11.20 5.91
CA ARG A 12 -2.22 -11.01 5.96
C ARG A 12 -2.61 -9.56 6.00
N VAL A 13 -1.90 -8.75 6.79
CA VAL A 13 -2.16 -7.30 6.84
C VAL A 13 -1.90 -6.61 5.49
N GLY A 14 -0.90 -7.12 4.80
CA GLY A 14 -0.59 -6.77 3.42
C GLY A 14 -1.66 -7.20 2.43
N ASP A 15 -2.37 -8.29 2.73
CA ASP A 15 -3.38 -8.82 1.83
C ASP A 15 -4.64 -8.03 1.87
N VAL A 16 -4.78 -7.14 2.82
CA VAL A 16 -5.98 -6.38 2.99
C VAL A 16 -6.02 -5.31 1.95
N ARG A 17 -6.56 -5.66 0.80
CA ARG A 17 -6.71 -4.71 -0.29
C ARG A 17 -8.19 -4.55 -0.56
N PRO A 18 -8.79 -3.46 -0.14
CA PRO A 18 -10.16 -3.20 -0.53
C PRO A 18 -10.24 -2.96 -2.00
N ALA A 19 -11.35 -3.29 -2.63
CA ALA A 19 -11.46 -3.23 -4.07
C ALA A 19 -11.55 -1.79 -4.51
N ARG A 20 -11.18 -1.53 -5.75
CA ARG A 20 -11.10 -0.17 -6.22
C ARG A 20 -12.41 0.25 -6.75
N ARG A 21 -13.25 0.76 -5.87
CA ARG A 21 -14.46 1.49 -6.26
C ARG A 21 -14.08 2.78 -7.01
N ALA A 22 -15.07 3.36 -7.68
CA ALA A 22 -14.89 4.57 -8.48
C ALA A 22 -14.42 5.75 -7.64
N MET A 23 -15.12 5.97 -6.52
CA MET A 23 -14.78 7.02 -5.55
C MET A 23 -13.81 6.52 -4.45
N GLY A 24 -12.58 6.22 -4.87
CA GLY A 24 -11.57 5.63 -4.00
C GLY A 24 -11.88 4.21 -3.59
N PRO A 25 -10.97 3.57 -2.85
CA PRO A 25 -11.25 2.29 -2.21
C PRO A 25 -11.75 2.52 -0.77
N ALA A 26 -12.34 1.46 -0.21
CA ALA A 26 -13.03 1.56 1.05
C ALA A 26 -12.06 1.46 2.21
N LEU A 27 -11.92 2.57 2.94
CA LEU A 27 -10.98 2.65 4.06
C LEU A 27 -11.44 2.01 5.41
N HIS A 28 -12.68 1.56 5.44
CA HIS A 28 -13.31 1.03 6.61
C HIS A 28 -12.36 0.01 7.19
N ARG A 29 -12.03 -0.99 6.39
CA ARG A 29 -11.27 -2.11 6.90
C ARG A 29 -9.84 -1.73 7.44
N PRO A 30 -9.06 -0.88 6.72
CA PRO A 30 -7.81 -0.33 7.27
C PRO A 30 -7.97 0.54 8.53
N VAL A 31 -8.92 1.48 8.51
CA VAL A 31 -9.16 2.31 9.70
C VAL A 31 -9.29 1.48 10.97
N LEU A 32 -10.11 0.45 10.92
CA LEU A 32 -10.23 -0.44 12.06
C LEU A 32 -8.86 -0.96 12.43
N LEU A 33 -8.19 -1.68 11.53
CA LEU A 33 -6.85 -2.28 11.81
C LEU A 33 -5.82 -1.34 12.37
N LEU A 34 -5.91 -0.09 11.94
CA LEU A 34 -5.00 0.91 12.42
C LEU A 34 -5.28 1.21 13.87
N TRP A 35 -6.54 1.50 14.18
CA TRP A 35 -7.02 1.68 15.58
C TRP A 35 -6.65 0.50 16.48
N ALA A 36 -6.88 -0.70 16.00
CA ALA A 36 -6.64 -1.93 16.74
C ALA A 36 -5.18 -2.14 17.05
N ILE A 37 -4.31 -1.53 16.26
CA ILE A 37 -2.90 -1.59 16.56
C ILE A 37 -2.59 -0.55 17.59
N GLY A 38 -3.12 0.65 17.38
CA GLY A 38 -3.08 1.73 18.38
C GLY A 38 -3.53 1.26 19.76
N GLN A 39 -4.57 0.41 19.80
CA GLN A 39 -5.03 -0.24 21.03
C GLN A 39 -3.98 -1.16 21.59
N ALA A 40 -3.52 -2.15 20.83
CA ALA A 40 -2.51 -3.12 21.34
C ALA A 40 -1.18 -2.50 21.82
N VAL A 41 -0.80 -1.40 21.16
CA VAL A 41 0.33 -0.58 21.58
C VAL A 41 0.04 0.10 22.91
N ALA A 42 -1.15 0.68 23.04
CA ALA A 42 -1.56 1.34 24.28
C ALA A 42 -2.05 0.35 25.38
N ARG A 43 -1.59 -0.91 25.33
CA ARG A 43 -1.90 -1.98 26.30
C ARG A 43 -3.40 -2.04 26.69
N ALA A 44 -4.29 -1.84 25.74
CA ALA A 44 -5.73 -1.95 25.94
C ALA A 44 -6.10 -3.45 25.89
N PRO A 45 -7.35 -3.77 26.25
CA PRO A 45 -7.71 -5.20 26.30
C PRO A 45 -7.94 -5.80 24.93
N ARG A 46 -7.62 -7.09 24.80
CA ARG A 46 -7.53 -7.77 23.51
C ARG A 46 -8.86 -7.72 22.78
N LEU A 47 -9.89 -8.36 23.34
CA LEU A 47 -11.26 -8.29 22.80
C LEU A 47 -11.91 -7.11 23.49
N GLN A 48 -12.78 -6.42 22.78
CA GLN A 48 -13.55 -5.33 23.38
C GLN A 48 -14.96 -5.38 22.83
N PRO A 49 -15.93 -4.89 23.60
CA PRO A 49 -17.30 -4.99 23.14
C PRO A 49 -17.59 -4.09 21.95
N TRP A 50 -18.56 -4.52 21.16
CA TRP A 50 -19.07 -3.74 20.05
C TRP A 50 -19.41 -2.29 20.40
N SER A 51 -20.15 -2.10 21.49
CA SER A 51 -20.71 -0.78 21.85
C SER A 51 -19.62 0.24 21.99
N THR A 52 -18.58 -0.17 22.69
CA THR A 52 -17.48 0.70 23.02
C THR A 52 -16.60 0.98 21.79
N THR A 53 -16.36 -0.06 20.99
CA THR A 53 -15.55 0.06 19.76
C THR A 53 -16.24 1.00 18.81
N ARG A 54 -17.54 0.80 18.63
CA ARG A 54 -18.33 1.55 17.69
C ARG A 54 -18.11 3.05 17.82
N ASP A 55 -18.43 3.62 18.97
CA ASP A 55 -18.36 5.09 19.18
C ASP A 55 -16.92 5.60 19.40
N ALA A 56 -15.98 4.67 19.56
CA ALA A 56 -14.55 4.99 19.63
C ALA A 56 -13.91 5.24 18.27
N VAL A 57 -14.32 4.43 17.29
CA VAL A 57 -13.79 4.41 15.89
C VAL A 57 -14.59 5.30 14.93
N ALA A 58 -15.90 5.37 15.12
CA ALA A 58 -16.80 6.17 14.29
C ALA A 58 -16.37 7.61 14.02
N PRO A 59 -15.79 8.31 15.02
CA PRO A 59 -15.37 9.69 14.73
C PRO A 59 -14.17 9.74 13.79
N LEU A 60 -13.24 8.80 13.98
CA LEU A 60 -12.08 8.60 13.07
C LEU A 60 -12.55 8.27 11.67
N MET A 61 -13.48 7.32 11.59
CA MET A 61 -14.05 6.89 10.34
C MET A 61 -14.65 8.05 9.59
N GLU A 62 -15.20 9.02 10.29
CA GLU A 62 -15.76 10.17 9.64
C GLU A 62 -14.66 11.08 9.14
N LYS A 63 -13.69 11.37 9.98
CA LYS A 63 -12.58 12.22 9.55
C LYS A 63 -11.66 11.55 8.54
N TYR A 64 -11.24 10.33 8.86
CA TYR A 64 -10.16 9.63 8.12
C TYR A 64 -10.55 8.58 7.08
N GLY A 65 -11.78 8.07 7.10
CA GLY A 65 -12.30 7.23 6.03
C GLY A 65 -13.24 7.99 5.14
N GLN A 66 -13.23 9.32 5.20
CA GLN A 66 -14.15 10.20 4.44
C GLN A 66 -15.58 9.62 4.17
N VAL A 67 -16.17 9.03 5.20
CA VAL A 67 -17.51 8.43 5.15
C VAL A 67 -18.46 9.39 5.86
N GLU A 68 -19.74 9.36 5.49
CA GLU A 68 -20.77 10.17 6.11
C GLU A 68 -21.08 9.75 7.55
N ASP A 69 -21.62 8.53 7.69
CA ASP A 69 -22.10 8.02 8.96
C ASP A 69 -21.08 7.05 9.49
N GLY A 70 -20.20 7.58 10.33
CA GLY A 70 -19.12 6.80 10.89
C GLY A 70 -19.64 5.65 11.71
N VAL A 71 -20.75 5.93 12.37
CA VAL A 71 -21.39 5.01 13.31
C VAL A 71 -21.81 3.72 12.60
N ASP A 72 -22.45 3.92 11.44
CA ASP A 72 -22.93 2.83 10.64
C ASP A 72 -21.73 2.09 10.08
N GLY A 73 -20.81 2.92 9.54
CA GLY A 73 -19.57 2.48 8.91
C GLY A 73 -18.90 1.30 9.59
N VAL A 74 -18.82 1.34 10.91
CA VAL A 74 -18.05 0.33 11.62
C VAL A 74 -18.63 -1.06 11.49
N ARG A 75 -19.94 -1.16 11.30
CA ARG A 75 -20.57 -2.47 11.24
C ARG A 75 -19.89 -3.45 10.27
N TYR A 76 -19.57 -2.94 9.08
CA TYR A 76 -19.05 -3.77 8.00
C TYR A 76 -17.70 -4.38 8.38
N PRO A 77 -16.66 -3.52 8.61
CA PRO A 77 -15.34 -4.08 8.90
C PRO A 77 -15.33 -4.94 10.11
N PHE A 78 -16.13 -4.53 11.10
CA PHE A 78 -16.26 -5.21 12.40
C PHE A 78 -16.58 -6.71 12.24
N TRP A 79 -17.41 -7.04 11.26
CA TRP A 79 -17.68 -8.42 10.89
C TRP A 79 -16.64 -8.90 9.87
N ALA A 80 -16.44 -8.11 8.79
CA ALA A 80 -15.69 -8.54 7.57
C ALA A 80 -14.24 -8.98 7.83
N LEU A 81 -13.59 -8.17 8.68
CA LEU A 81 -12.20 -8.34 8.92
C LEU A 81 -11.87 -9.72 9.46
N VAL A 82 -12.90 -10.50 9.84
CA VAL A 82 -12.69 -11.81 10.40
C VAL A 82 -12.20 -12.73 9.31
N ARG A 83 -12.83 -12.63 8.16
CA ARG A 83 -12.41 -13.52 7.08
C ARG A 83 -11.20 -12.99 6.33
N ASP A 84 -10.65 -11.85 6.76
CA ASP A 84 -9.28 -11.45 6.41
C ASP A 84 -8.28 -12.07 7.39
N ASP A 85 -8.72 -13.04 8.21
CA ASP A 85 -7.86 -13.77 9.17
C ASP A 85 -7.08 -12.88 10.11
N LEU A 86 -7.66 -11.72 10.41
CA LEU A 86 -7.06 -10.74 11.31
C LEU A 86 -7.92 -10.42 12.51
N TRP A 87 -9.22 -10.68 12.41
CA TRP A 87 -10.19 -10.34 13.45
C TRP A 87 -10.81 -11.65 13.98
N CYS A 88 -11.49 -11.54 15.12
CA CYS A 88 -12.26 -12.65 15.69
C CYS A 88 -13.37 -12.08 16.56
N VAL A 89 -14.47 -12.83 16.62
CA VAL A 89 -15.70 -12.37 17.25
C VAL A 89 -16.28 -13.51 18.11
N GLU A 90 -16.23 -13.35 19.43
CA GLU A 90 -16.90 -14.30 20.31
C GLU A 90 -18.42 -14.01 20.26
N GLN A 91 -19.19 -15.08 20.48
CA GLN A 91 -20.67 -15.08 20.41
C GLN A 91 -21.16 -14.83 18.99
N ALA A 92 -20.58 -15.54 18.03
CA ALA A 92 -20.96 -15.37 16.62
C ALA A 92 -22.35 -15.97 16.39
N GLU A 93 -22.48 -17.23 16.78
CA GLU A 93 -23.71 -18.01 16.60
C GLU A 93 -24.94 -17.20 16.98
N GLU A 94 -24.84 -16.49 18.11
CA GLU A 94 -25.94 -15.72 18.68
C GLU A 94 -26.43 -14.54 17.84
N LEU A 95 -25.58 -13.99 16.97
CA LEU A 95 -26.03 -12.91 16.10
C LEU A 95 -26.92 -13.44 14.98
N THR A 96 -27.91 -12.63 14.61
CA THR A 96 -28.83 -12.95 13.54
C THR A 96 -28.44 -12.15 12.30
N LEU A 97 -28.30 -12.86 11.17
CA LEU A 97 -27.68 -12.34 9.93
C LEU A 97 -28.70 -11.87 8.91
N THR A 98 -28.21 -11.13 7.92
CA THR A 98 -29.05 -10.57 6.86
C THR A 98 -28.34 -10.61 5.51
N SER A 99 -29.11 -10.33 4.47
CA SER A 99 -28.58 -10.18 3.14
C SER A 99 -27.80 -11.46 2.79
N ARG A 100 -28.38 -12.62 3.03
CA ARG A 100 -27.68 -13.91 2.89
C ARG A 100 -26.54 -13.92 3.93
N GLY A 101 -25.34 -14.38 3.61
CA GLY A 101 -24.25 -14.47 4.61
C GLY A 101 -23.63 -13.22 5.23
N ARG A 102 -24.03 -12.02 4.82
CA ARG A 102 -23.29 -10.78 5.16
C ARG A 102 -23.41 -10.38 6.61
N ARG A 103 -22.71 -9.31 6.99
CA ARG A 103 -22.70 -8.83 8.38
C ARG A 103 -24.10 -8.75 8.98
N PRO A 104 -24.29 -9.18 10.26
CA PRO A 104 -25.62 -9.20 10.89
C PRO A 104 -26.23 -7.85 11.23
N THR A 105 -27.51 -7.92 11.61
CA THR A 105 -28.37 -6.76 11.75
C THR A 105 -27.91 -5.93 12.93
N LEU A 106 -27.97 -4.61 12.77
CA LEU A 106 -27.70 -3.66 13.85
C LEU A 106 -28.38 -4.00 15.22
N GLU A 107 -29.60 -4.54 15.16
CA GLU A 107 -30.31 -4.94 16.39
C GLU A 107 -29.60 -6.06 17.12
N SER A 108 -29.17 -7.09 16.40
CA SER A 108 -28.46 -8.18 17.06
C SER A 108 -27.10 -7.74 17.60
N LEU A 109 -26.53 -6.71 17.00
CA LEU A 109 -25.28 -6.10 17.49
C LEU A 109 -25.49 -5.33 18.78
N ASN A 110 -26.51 -4.50 18.79
CA ASN A 110 -26.82 -3.75 19.99
C ASN A 110 -27.34 -4.65 21.10
N ALA A 111 -28.07 -5.70 20.75
CA ALA A 111 -28.69 -6.60 21.71
C ALA A 111 -27.68 -7.55 22.36
N VAL A 112 -26.99 -8.34 21.53
CA VAL A 112 -25.79 -9.07 21.99
C VAL A 112 -24.77 -7.97 21.95
N ASP A 113 -23.84 -7.91 22.88
CA ASP A 113 -22.80 -6.91 22.74
C ASP A 113 -21.46 -7.59 22.61
N PRO A 114 -21.20 -8.19 21.42
CA PRO A 114 -20.11 -9.16 21.28
C PRO A 114 -18.76 -8.50 21.40
N SER A 115 -17.91 -9.13 22.21
CA SER A 115 -16.53 -8.71 22.34
C SER A 115 -15.85 -9.24 21.10
N ALA A 116 -15.30 -8.30 20.32
CA ALA A 116 -14.51 -8.57 19.09
C ALA A 116 -13.11 -7.93 19.21
N GLY A 117 -12.14 -8.54 18.55
CA GLY A 117 -10.78 -8.04 18.63
C GLY A 117 -9.82 -8.70 17.68
N LEU A 118 -8.58 -8.67 18.05
CA LEU A 118 -7.51 -9.09 17.19
C LEU A 118 -7.30 -10.56 17.44
N ARG A 119 -6.67 -11.26 16.51
CA ARG A 119 -6.27 -12.65 16.71
C ARG A 119 -5.45 -12.86 18.02
N GLU A 120 -5.27 -14.13 18.38
CA GLU A 120 -4.47 -14.50 19.55
C GLU A 120 -3.03 -14.07 19.34
N ASP A 121 -2.35 -14.75 18.40
CA ASP A 121 -0.91 -14.63 18.16
C ASP A 121 -0.51 -13.20 17.83
N ASP A 122 -1.45 -12.51 17.20
CA ASP A 122 -1.26 -11.13 16.80
C ASP A 122 -1.31 -10.12 17.95
N TYR A 123 -2.20 -10.36 18.93
CA TYR A 123 -2.20 -9.58 20.20
C TYR A 123 -0.87 -9.69 20.96
N ASN A 124 -0.34 -10.93 21.03
CA ASN A 124 1.01 -11.24 21.59
C ASN A 124 2.16 -10.54 20.86
N LEU A 125 2.17 -10.71 19.53
CA LEU A 125 3.20 -10.14 18.67
C LEU A 125 3.29 -8.62 18.73
N LEU A 126 2.15 -7.95 18.73
CA LEU A 126 2.11 -6.48 18.84
C LEU A 126 2.57 -5.94 20.19
N ARG A 127 2.02 -6.50 21.27
CA ARG A 127 2.45 -6.14 22.62
C ARG A 127 3.96 -6.43 22.79
N SER A 128 4.39 -7.64 22.40
CA SER A 128 5.78 -8.07 22.61
C SER A 128 6.83 -7.43 21.67
N GLN A 129 6.48 -7.16 20.40
CA GLN A 129 7.46 -6.66 19.40
C GLN A 129 6.93 -5.43 18.70
N PRO A 130 7.27 -4.22 19.20
CA PRO A 130 6.89 -2.94 18.58
C PRO A 130 7.26 -2.76 17.10
N GLU A 131 8.38 -3.40 16.70
CA GLU A 131 8.87 -3.33 15.32
C GLU A 131 7.84 -3.86 14.32
N ALA A 132 7.27 -5.01 14.64
CA ALA A 132 6.17 -5.60 13.85
C ALA A 132 4.89 -4.75 13.84
N ALA A 133 4.59 -4.15 14.99
CA ALA A 133 3.51 -3.17 15.10
C ALA A 133 3.80 -1.91 14.30
N ALA A 134 5.06 -1.51 14.30
CA ALA A 134 5.50 -0.31 13.57
C ALA A 134 5.34 -0.41 12.05
N SER A 135 5.81 -1.53 11.47
CA SER A 135 5.68 -1.75 10.04
C SER A 135 4.22 -1.68 9.65
N ALA A 136 3.38 -2.43 10.36
CA ALA A 136 2.00 -2.63 9.95
C ALA A 136 1.25 -1.31 9.83
N ALA A 137 1.29 -0.47 10.83
CA ALA A 137 0.75 0.89 10.69
C ALA A 137 1.46 1.77 9.64
N ALA A 138 2.77 1.55 9.48
CA ALA A 138 3.51 2.17 8.37
C ALA A 138 3.00 1.67 7.01
N GLY A 139 2.79 0.34 6.86
CA GLY A 139 2.11 -0.26 5.70
C GLY A 139 0.86 0.55 5.38
N LEU A 140 -0.19 0.31 6.13
CA LEU A 140 -1.48 1.02 5.97
C LEU A 140 -1.33 2.54 5.79
N ILE A 141 -0.49 3.12 6.66
CA ILE A 141 -0.25 4.60 6.63
C ILE A 141 0.20 4.99 5.22
N ALA A 142 1.08 4.15 4.62
CA ALA A 142 1.60 4.31 3.23
C ALA A 142 0.60 3.98 2.17
N ARG A 143 0.10 2.75 2.21
CA ARG A 143 -0.84 2.25 1.20
C ARG A 143 -2.16 3.00 1.13
N TYR A 144 -2.77 3.34 2.28
CA TYR A 144 -4.13 3.94 2.28
C TYR A 144 -4.22 5.43 2.60
N PHE A 145 -3.29 5.98 3.37
CA PHE A 145 -3.37 7.41 3.75
C PHE A 145 -2.29 8.25 3.13
N HIS A 146 -1.09 8.15 3.67
CA HIS A 146 0.13 8.53 2.95
C HIS A 146 0.30 10.00 2.77
N LEU A 147 -0.68 10.82 3.13
CA LEU A 147 -0.43 12.26 3.24
C LEU A 147 -0.34 12.71 4.66
N LEU A 148 -0.65 11.81 5.61
CA LEU A 148 -0.45 12.04 7.01
C LEU A 148 -0.85 13.43 7.48
N PRO A 149 -2.12 13.90 7.20
CA PRO A 149 -2.54 15.21 7.76
C PRO A 149 -2.43 15.13 9.29
N ALA A 150 -1.97 16.21 9.94
CA ALA A 150 -1.48 16.13 11.33
C ALA A 150 -2.45 15.34 12.19
N GLY A 151 -3.73 15.67 12.03
CA GLY A 151 -4.83 14.91 12.60
C GLY A 151 -4.45 13.54 13.19
N LEU A 152 -4.35 12.54 12.31
CA LEU A 152 -4.36 11.08 12.70
C LEU A 152 -3.17 10.52 13.41
N LEU A 153 -2.05 11.18 13.26
CA LEU A 153 -0.85 10.67 13.89
C LEU A 153 -1.20 10.27 15.35
N GLU A 154 -1.75 11.25 16.11
CA GLU A 154 -2.02 11.15 17.55
C GLU A 154 -3.23 10.21 17.64
N ASP A 155 -4.32 10.61 16.96
CA ASP A 155 -5.64 10.03 17.16
C ASP A 155 -5.62 8.54 16.96
N PHE A 156 -4.89 8.05 15.99
CA PHE A 156 -4.98 6.59 15.72
C PHE A 156 -4.23 5.84 16.84
N GLY A 157 -3.14 6.40 17.38
CA GLY A 157 -2.30 5.60 18.26
C GLY A 157 -1.29 6.45 18.96
N LEU A 158 -0.02 6.45 18.60
CA LEU A 158 0.57 6.04 17.31
C LEU A 158 1.74 6.99 17.18
N HIS A 159 1.46 8.28 17.47
CA HIS A 159 2.46 9.36 17.44
C HIS A 159 3.75 9.00 18.16
N GLU A 160 3.59 8.47 19.36
CA GLU A 160 4.72 8.02 20.11
C GLU A 160 5.41 6.88 19.34
N LEU A 161 4.61 6.00 18.76
CA LEU A 161 5.15 4.80 18.06
C LEU A 161 5.99 5.12 16.84
N LEU A 162 5.51 6.04 16.01
CA LEU A 162 6.10 6.31 14.69
C LEU A 162 6.62 7.73 14.51
N ALA A 163 6.93 8.42 15.60
CA ALA A 163 7.43 9.79 15.49
C ALA A 163 8.75 9.81 14.72
N GLY A 164 9.17 11.03 14.37
CA GLY A 164 10.29 11.23 13.47
C GLY A 164 9.89 10.79 12.08
N ARG A 165 10.72 9.98 11.45
CA ARG A 165 10.43 9.47 10.15
C ARG A 165 9.61 8.19 10.28
N TRP A 166 8.30 8.24 10.02
CA TRP A 166 7.45 7.00 10.11
C TRP A 166 7.90 5.85 9.22
N PRO A 167 8.10 6.11 7.91
CA PRO A 167 8.39 5.00 7.04
C PRO A 167 9.70 4.26 7.38
N ASP A 168 10.43 4.74 8.40
CA ASP A 168 11.60 4.03 8.92
C ASP A 168 11.27 2.58 9.22
N ALA A 169 10.05 2.34 9.70
CA ALA A 169 9.70 1.03 10.14
C ALA A 169 9.58 -0.04 9.03
N LEU A 170 9.46 0.39 7.77
CA LEU A 170 9.20 -0.54 6.67
C LEU A 170 10.44 -1.29 6.31
N ARG A 171 10.28 -2.46 5.74
CA ARG A 171 11.38 -3.20 5.12
C ARG A 171 11.03 -3.55 3.69
N PRO A 172 12.03 -3.70 2.85
CA PRO A 172 13.44 -3.63 3.15
C PRO A 172 13.92 -2.23 3.36
N LEU A 173 15.11 -2.15 3.96
CA LEU A 173 15.88 -0.93 4.04
C LEU A 173 16.43 -0.59 2.63
N LEU A 174 16.81 0.67 2.44
CA LEU A 174 17.41 1.07 1.20
C LEU A 174 18.77 0.41 1.04
N GLY A 175 19.06 -0.03 -0.16
CA GLY A 175 20.37 -0.58 -0.46
C GLY A 175 20.47 -2.07 -0.22
N GLU A 176 19.41 -2.67 0.32
CA GLU A 176 19.42 -4.11 0.54
C GLU A 176 19.62 -4.85 -0.78
N THR A 177 20.36 -5.95 -0.76
CA THR A 177 20.82 -6.57 -1.97
C THR A 177 20.48 -8.04 -2.05
N PHE A 178 20.12 -8.53 -3.23
CA PHE A 178 19.78 -9.94 -3.42
C PHE A 178 20.20 -10.42 -4.76
N LYS A 179 20.53 -11.69 -4.90
CA LYS A 179 21.13 -12.22 -6.14
C LYS A 179 20.10 -12.42 -7.22
N ASP A 180 19.09 -13.22 -6.92
CA ASP A 180 17.97 -13.48 -7.82
C ASP A 180 16.84 -12.53 -7.56
N ARG A 181 15.94 -12.52 -8.52
CA ARG A 181 14.59 -12.01 -8.32
C ARG A 181 13.84 -12.86 -7.25
N ASP A 182 14.04 -14.16 -7.43
CA ASP A 182 13.60 -15.17 -6.51
C ASP A 182 14.00 -14.83 -5.08
N ALA A 183 15.26 -14.47 -4.91
CA ALA A 183 15.83 -14.36 -3.58
C ALA A 183 15.20 -13.19 -2.79
N ILE A 184 14.74 -12.23 -3.56
CA ILE A 184 13.95 -11.15 -3.00
C ILE A 184 12.65 -11.72 -2.50
N TRP A 185 12.04 -12.55 -3.34
CA TRP A 185 10.73 -13.14 -3.03
C TRP A 185 10.67 -13.90 -1.70
N ARG A 186 11.69 -14.74 -1.42
CA ARG A 186 11.83 -15.37 -0.12
C ARG A 186 11.75 -14.41 1.02
N ALA A 187 12.37 -13.28 0.83
CA ALA A 187 12.46 -12.30 1.86
C ALA A 187 11.23 -11.38 1.92
N TYR A 188 10.61 -11.05 0.80
CA TYR A 188 9.55 -10.05 0.87
C TYR A 188 8.24 -10.39 0.16
N GLY A 189 8.23 -11.51 -0.57
CA GLY A 189 6.99 -12.00 -1.15
C GLY A 189 6.65 -11.15 -2.34
N GLY A 190 5.37 -11.07 -2.68
CA GLY A 190 4.94 -10.46 -3.95
C GLY A 190 5.14 -11.54 -4.96
N GLN A 191 5.54 -11.17 -6.17
CA GLN A 191 5.85 -12.22 -7.18
C GLN A 191 7.12 -11.93 -8.01
N LYS A 192 7.99 -12.92 -8.20
CA LYS A 192 8.81 -12.89 -9.41
C LYS A 192 7.80 -12.77 -10.53
N MET A 193 8.01 -11.84 -11.44
CA MET A 193 7.06 -11.67 -12.49
C MET A 193 7.29 -10.32 -13.02
N ALA A 194 6.22 -9.64 -13.37
CA ALA A 194 6.34 -8.36 -14.02
C ALA A 194 7.26 -7.53 -13.18
N GLY A 195 7.82 -6.55 -13.85
CA GLY A 195 8.63 -5.61 -13.20
C GLY A 195 7.77 -4.81 -12.27
N ILE A 196 6.45 -4.78 -12.48
CA ILE A 196 5.60 -4.05 -11.57
C ILE A 196 4.75 -4.98 -10.72
N GLY A 197 4.81 -4.79 -9.40
CA GLY A 197 4.21 -5.71 -8.42
C GLY A 197 4.28 -5.20 -6.99
N CYS A 198 3.63 -5.89 -6.08
CA CYS A 198 3.59 -5.52 -4.66
C CYS A 198 4.18 -6.63 -3.87
N LEU A 199 4.99 -6.29 -2.90
CA LEU A 199 5.57 -7.30 -2.02
C LEU A 199 4.51 -7.72 -1.04
N ALA A 200 4.77 -8.78 -0.28
CA ALA A 200 3.79 -9.25 0.74
C ALA A 200 3.11 -8.09 1.52
N ASP A 201 3.92 -7.11 1.93
CA ASP A 201 3.46 -5.92 2.63
C ASP A 201 2.42 -5.05 1.87
N GLY A 202 2.17 -5.35 0.62
CA GLY A 202 1.15 -4.62 -0.11
C GLY A 202 1.62 -3.30 -0.64
N ILE A 203 2.94 -3.10 -0.66
CA ILE A 203 3.54 -1.88 -1.18
C ILE A 203 4.13 -2.13 -2.56
N LEU A 204 3.79 -1.21 -3.48
CA LEU A 204 4.22 -1.36 -4.89
C LEU A 204 5.73 -1.30 -5.05
N SER A 205 6.21 -2.12 -5.98
CA SER A 205 7.66 -2.27 -6.21
C SER A 205 7.87 -2.43 -7.70
N ALA A 206 8.78 -1.66 -8.31
CA ALA A 206 9.08 -1.72 -9.76
C ALA A 206 10.50 -2.20 -9.98
N PHE A 207 10.70 -3.14 -10.90
CA PHE A 207 12.01 -3.81 -11.04
C PHE A 207 12.67 -3.49 -12.38
N SER A 208 13.90 -2.93 -12.35
CA SER A 208 14.65 -2.57 -13.55
C SER A 208 15.91 -3.45 -13.71
N ASP A 209 15.87 -4.33 -14.71
CA ASP A 209 16.92 -5.25 -15.02
C ASP A 209 17.68 -4.63 -16.15
N ASP A 210 18.93 -4.19 -15.90
CA ASP A 210 19.76 -3.54 -16.97
C ASP A 210 20.21 -4.54 -17.99
N LYS A 211 20.05 -4.19 -19.27
CA LYS A 211 20.37 -5.08 -20.38
C LYS A 211 21.82 -4.97 -20.77
N GLY A 212 22.45 -3.84 -20.45
CA GLY A 212 23.84 -3.57 -20.87
C GLY A 212 24.69 -2.92 -19.77
N PRO A 213 26.00 -3.18 -19.81
CA PRO A 213 26.91 -2.57 -18.81
C PRO A 213 27.11 -1.08 -19.10
N TYR A 214 27.48 -0.33 -18.05
CA TYR A 214 27.57 1.17 -18.10
C TYR A 214 26.27 1.84 -18.60
N ALA A 215 25.13 1.23 -18.26
CA ALA A 215 23.81 1.71 -18.65
C ALA A 215 22.91 1.57 -17.43
N ASP A 216 22.04 2.54 -17.28
CA ASP A 216 20.99 2.50 -16.30
C ASP A 216 19.85 3.30 -16.91
N GLY A 217 18.75 3.40 -16.21
CA GLY A 217 17.58 4.05 -16.82
C GLY A 217 17.53 5.56 -16.80
N ARG A 218 18.53 6.25 -16.25
CA ARG A 218 18.39 7.72 -16.13
C ARG A 218 18.18 8.39 -17.47
N ILE A 219 17.20 9.27 -17.54
CA ILE A 219 16.98 10.03 -18.78
C ILE A 219 18.04 11.11 -18.88
N PRO A 220 18.65 11.29 -20.05
CA PRO A 220 19.83 12.14 -20.09
C PRO A 220 19.46 13.60 -19.96
N ASP A 221 20.36 14.34 -19.33
CA ASP A 221 20.15 15.77 -19.04
C ASP A 221 18.96 16.01 -18.10
N THR A 222 18.85 15.14 -17.10
CA THR A 222 17.76 15.21 -16.16
C THR A 222 17.99 14.38 -14.90
N THR A 223 17.50 14.91 -13.81
CA THR A 223 17.18 14.14 -12.59
C THR A 223 16.35 12.75 -12.68
N TRP A 224 15.51 12.58 -13.67
CA TRP A 224 14.57 11.48 -13.59
C TRP A 224 15.07 10.14 -14.17
N ILE A 225 14.22 9.11 -14.05
CA ILE A 225 14.46 7.75 -14.53
C ILE A 225 13.35 7.37 -15.46
N ALA A 226 13.70 6.75 -16.59
CA ALA A 226 12.69 6.23 -17.52
C ALA A 226 12.50 4.77 -17.27
N TYR A 227 11.26 4.38 -16.95
CA TYR A 227 10.91 2.99 -16.66
C TYR A 227 9.83 2.55 -17.61
N VAL A 228 9.95 1.34 -18.10
CA VAL A 228 9.09 0.91 -19.20
C VAL A 228 8.00 0.02 -18.68
N GLY A 229 6.80 0.31 -19.16
CA GLY A 229 5.63 -0.48 -18.79
C GLY A 229 5.88 -1.98 -18.95
N ASP A 230 5.08 -2.81 -18.30
CA ASP A 230 5.50 -4.18 -18.20
C ASP A 230 4.81 -5.12 -19.20
N GLY A 231 4.00 -4.63 -20.15
CA GLY A 231 3.61 -5.54 -21.27
C GLY A 231 4.79 -6.10 -22.12
N LEU A 232 5.01 -7.41 -22.17
CA LEU A 232 6.26 -8.01 -22.70
C LEU A 232 6.49 -7.99 -24.24
N SER A 233 5.44 -8.11 -25.08
CA SER A 233 5.68 -8.28 -26.51
C SER A 233 4.80 -7.57 -27.54
N GLY A 234 3.65 -7.11 -27.24
CA GLY A 234 2.96 -6.29 -28.24
C GLY A 234 2.55 -5.01 -27.57
N ASP A 235 1.71 -4.19 -28.24
CA ASP A 235 1.11 -3.03 -27.58
C ASP A 235 0.80 -3.33 -26.10
N GLN A 236 1.27 -2.47 -25.19
CA GLN A 236 0.98 -2.59 -23.75
C GLN A 236 -0.38 -2.00 -23.41
N LYS A 237 -0.95 -2.49 -22.29
CA LYS A 237 -2.34 -2.10 -21.90
C LYS A 237 -2.38 -1.62 -20.46
N LEU A 238 -3.29 -0.68 -20.13
CA LEU A 238 -3.44 -0.24 -18.73
C LEU A 238 -4.05 -1.37 -17.99
N THR A 239 -3.25 -2.35 -17.64
CA THR A 239 -3.74 -3.48 -16.92
C THR A 239 -2.61 -3.97 -16.07
N ASP A 240 -2.95 -4.71 -15.03
CA ASP A 240 -2.01 -5.15 -14.00
C ASP A 240 -1.06 -4.01 -13.62
N GLY A 241 0.24 -4.22 -13.91
CA GLY A 241 1.30 -3.38 -13.46
C GLY A 241 1.10 -1.99 -13.91
N ASN A 242 0.71 -1.84 -15.14
CA ASN A 242 0.52 -0.51 -15.65
C ASN A 242 -0.61 0.20 -14.95
N GLU A 243 -1.65 -0.55 -14.57
CA GLU A 243 -2.77 0.04 -13.82
C GLU A 243 -2.25 0.55 -12.46
N LEU A 244 -1.61 -0.37 -11.75
CA LEU A 244 -0.98 0.02 -10.51
C LEU A 244 -0.17 1.32 -10.57
N MET A 245 0.63 1.47 -11.59
CA MET A 245 1.36 2.74 -11.80
C MET A 245 0.43 3.94 -11.90
N ALA A 246 -0.60 3.76 -12.73
CA ALA A 246 -1.56 4.81 -12.96
C ALA A 246 -2.33 5.16 -11.68
N GLU A 247 -2.55 4.15 -10.85
CA GLU A 247 -3.15 4.36 -9.56
C GLU A 247 -2.30 5.25 -8.66
N HIS A 248 -1.01 4.91 -8.59
CA HIS A 248 -0.07 5.68 -7.81
C HIS A 248 0.10 7.05 -8.42
N GLN A 249 0.11 7.12 -9.74
CA GLN A 249 0.35 8.39 -10.38
C GLN A 249 -0.68 9.41 -9.96
N ALA A 250 -1.93 8.92 -9.85
CA ALA A 250 -3.14 9.75 -9.61
C ALA A 250 -3.09 10.50 -8.35
N VAL A 251 -2.71 9.78 -7.31
CA VAL A 251 -2.64 10.32 -5.98
C VAL A 251 -1.27 10.88 -5.59
N GLY A 252 -0.25 10.62 -6.37
CA GLY A 252 1.10 11.02 -6.02
C GLY A 252 1.68 10.16 -4.91
N ARG A 253 1.43 8.86 -5.01
CA ARG A 253 2.01 7.88 -4.11
C ARG A 253 3.28 7.28 -4.73
N ALA A 254 4.23 7.08 -3.83
CA ALA A 254 5.56 6.61 -4.16
C ALA A 254 5.66 5.12 -4.08
N LEU A 255 6.74 4.58 -4.63
CA LEU A 255 6.93 3.15 -4.79
C LEU A 255 8.39 2.82 -4.76
N ARG A 256 8.70 1.54 -4.50
CA ARG A 256 10.09 1.09 -4.40
C ARG A 256 10.68 0.85 -5.78
N TYR A 257 11.79 1.50 -6.11
CA TYR A 257 12.49 1.22 -7.36
C TYR A 257 13.70 0.30 -7.11
N TRP A 258 13.60 -0.91 -7.67
CA TRP A 258 14.66 -1.91 -7.64
C TRP A 258 15.51 -1.83 -8.90
N HIS A 259 16.81 -2.10 -8.75
CA HIS A 259 17.73 -2.01 -9.86
C HIS A 259 18.80 -3.08 -9.84
N LYS A 260 19.09 -3.68 -11.00
CA LYS A 260 20.11 -4.73 -11.14
C LYS A 260 21.08 -4.21 -12.15
N PRO A 261 22.33 -4.03 -11.74
CA PRO A 261 23.19 -3.27 -12.59
C PRO A 261 23.52 -3.95 -13.89
N PHE A 262 23.64 -5.27 -13.87
CA PHE A 262 23.95 -6.02 -15.09
C PHE A 262 24.99 -6.97 -14.66
N GLN A 263 24.60 -8.24 -14.64
CA GLN A 263 25.37 -9.30 -14.01
C GLN A 263 25.72 -8.89 -12.63
N GLY A 264 24.80 -8.19 -11.99
CA GLY A 264 25.06 -7.61 -10.70
C GLY A 264 23.90 -7.98 -9.88
N GLN A 265 23.98 -7.79 -8.57
CA GLN A 265 22.87 -8.11 -7.73
C GLN A 265 21.73 -7.03 -7.80
N TRP A 266 20.48 -7.47 -7.63
CA TRP A 266 19.37 -6.56 -7.33
C TRP A 266 19.67 -5.73 -6.10
N SER A 267 19.22 -4.50 -6.10
CA SER A 267 19.20 -3.76 -4.86
C SER A 267 18.15 -2.62 -4.83
N PHE A 268 17.61 -2.37 -3.63
CA PHE A 268 16.50 -1.46 -3.45
C PHE A 268 17.14 -0.08 -3.43
N GLU A 269 17.14 0.56 -4.58
CA GLU A 269 17.97 1.71 -4.77
C GLU A 269 17.29 2.96 -4.30
N THR A 270 16.02 3.15 -4.59
CA THR A 270 15.31 4.35 -4.06
C THR A 270 13.79 4.27 -4.13
N TRP A 271 13.13 5.00 -3.24
CA TRP A 271 11.76 5.31 -3.45
C TRP A 271 11.70 6.30 -4.63
N ALA A 272 10.60 6.20 -5.38
CA ALA A 272 10.38 7.09 -6.51
C ALA A 272 8.88 7.37 -6.68
N VAL A 273 8.60 8.41 -7.43
CA VAL A 273 7.26 8.82 -7.66
C VAL A 273 7.02 9.03 -9.19
N ILE A 274 5.87 8.58 -9.70
CA ILE A 274 5.57 8.78 -11.10
C ILE A 274 5.28 10.24 -11.30
N VAL A 275 5.91 10.84 -12.27
CA VAL A 275 5.77 12.25 -12.55
C VAL A 275 5.38 12.52 -14.02
N GLN A 276 5.37 11.50 -14.86
CA GLN A 276 4.90 11.60 -16.23
C GLN A 276 4.60 10.24 -16.78
N ARG A 277 3.61 10.18 -17.67
CA ARG A 277 3.19 8.93 -18.31
C ARG A 277 3.19 9.14 -19.81
N ARG A 278 3.96 8.33 -20.54
CA ARG A 278 4.24 8.63 -21.96
C ARG A 278 4.04 7.33 -22.76
N LEU A 279 3.68 7.48 -24.04
CA LEU A 279 3.49 6.34 -24.93
C LEU A 279 4.50 6.39 -26.06
N ARG A 280 5.19 5.28 -26.31
CA ARG A 280 6.34 5.26 -27.20
C ARG A 280 6.31 4.03 -28.00
N TRP A 281 7.04 4.07 -29.13
CA TRP A 281 7.31 2.85 -29.90
C TRP A 281 8.49 2.19 -29.27
N GLY A 282 8.51 0.88 -29.30
CA GLY A 282 9.61 0.14 -28.74
C GLY A 282 9.63 -1.30 -29.23
N LEU A 283 10.64 -2.06 -28.86
CA LEU A 283 10.80 -3.38 -29.39
C LEU A 283 10.37 -4.37 -28.37
N GLY A 284 9.49 -5.27 -28.80
CA GLY A 284 9.02 -6.38 -27.98
C GLY A 284 10.13 -7.36 -27.69
N GLU A 285 9.83 -8.32 -26.83
CA GLU A 285 10.74 -9.44 -26.62
C GLU A 285 10.81 -10.27 -27.89
N ASP A 286 9.70 -10.29 -28.62
CA ASP A 286 9.65 -10.82 -29.98
C ASP A 286 10.51 -10.04 -30.99
N LYS A 287 10.94 -8.83 -30.64
CA LYS A 287 11.88 -8.01 -31.43
C LYS A 287 11.22 -7.21 -32.51
N LEU A 288 9.94 -6.93 -32.36
CA LEU A 288 9.21 -6.15 -33.36
C LEU A 288 8.59 -4.97 -32.68
N PRO A 289 8.48 -3.87 -33.42
CA PRO A 289 7.98 -2.69 -32.80
C PRO A 289 6.57 -2.82 -32.32
N ARG A 290 6.22 -1.94 -31.39
CA ARG A 290 5.14 -2.13 -30.44
C ARG A 290 4.96 -0.84 -29.71
N ARG A 291 3.78 -0.65 -29.15
CA ARG A 291 3.45 0.55 -28.41
C ARG A 291 3.59 0.40 -26.90
N GLU A 292 4.48 1.16 -26.25
CA GLU A 292 4.81 0.87 -24.82
C GLU A 292 4.73 2.08 -23.96
N PHE A 293 4.53 1.83 -22.68
CA PHE A 293 4.39 2.92 -21.69
C PHE A 293 5.75 3.34 -21.20
N LEU A 294 5.91 4.66 -21.09
CA LEU A 294 7.07 5.18 -20.42
C LEU A 294 6.67 5.91 -19.14
N TRP A 295 6.94 5.24 -18.02
CA TRP A 295 6.74 5.83 -16.72
C TRP A 295 7.94 6.68 -16.33
N VAL A 296 7.75 7.95 -16.13
CA VAL A 296 8.88 8.75 -15.81
C VAL A 296 8.90 8.90 -14.32
N LEU A 297 9.96 8.43 -13.68
CA LEU A 297 10.03 8.46 -12.21
C LEU A 297 10.99 9.52 -11.73
N ALA A 298 10.64 10.15 -10.63
CA ALA A 298 11.52 11.02 -9.94
C ALA A 298 11.82 10.41 -8.59
N PRO A 299 13.11 10.13 -8.29
CA PRO A 299 13.36 9.52 -6.99
C PRO A 299 13.12 10.52 -5.92
N VAL A 300 12.85 9.97 -4.74
CA VAL A 300 12.69 10.76 -3.55
C VAL A 300 13.29 9.98 -2.41
N PRO A 301 13.59 10.66 -1.30
CA PRO A 301 14.23 9.95 -0.18
C PRO A 301 13.37 8.86 0.46
N SER A 302 12.13 9.21 0.78
CA SER A 302 11.18 8.26 1.34
C SER A 302 9.77 8.62 0.87
N PRO A 303 8.82 7.84 1.34
CA PRO A 303 7.46 8.19 1.06
C PRO A 303 6.98 9.44 1.76
N GLU A 304 7.62 9.89 2.83
CA GLU A 304 7.08 11.05 3.53
C GLU A 304 7.21 12.33 2.71
N ARG A 305 6.11 12.86 2.20
CA ARG A 305 6.12 14.11 1.41
C ARG A 305 6.97 15.27 1.96
N GLU A 306 7.09 15.34 3.28
CA GLU A 306 7.90 16.38 3.92
C GLU A 306 9.33 16.31 3.41
N THR A 307 9.80 15.10 3.14
CA THR A 307 11.14 14.86 2.66
C THR A 307 11.46 15.15 1.17
N TRP A 308 10.47 15.48 0.37
CA TRP A 308 10.60 15.56 -1.07
C TRP A 308 11.12 16.91 -1.45
N PRO A 309 12.13 16.97 -2.30
CA PRO A 309 12.57 18.28 -2.74
C PRO A 309 11.55 19.04 -3.56
N PRO A 310 11.69 20.38 -3.63
CA PRO A 310 10.72 21.23 -4.36
C PRO A 310 10.64 20.95 -5.84
N GLU A 311 11.77 20.65 -6.44
CA GLU A 311 11.76 20.32 -7.86
C GLU A 311 10.88 19.13 -8.21
N VAL A 312 10.77 18.18 -7.28
CA VAL A 312 9.83 17.06 -7.45
C VAL A 312 8.44 17.56 -7.28
N LEU A 313 8.17 18.36 -6.25
CA LEU A 313 6.83 18.85 -6.00
C LEU A 313 6.30 19.65 -7.17
N GLU A 314 7.13 20.53 -7.75
CA GLU A 314 6.74 21.31 -8.94
C GLU A 314 6.30 20.36 -10.01
N ALA A 315 7.08 19.32 -10.21
CA ALA A 315 6.87 18.45 -11.33
C ALA A 315 5.58 17.62 -11.25
N LEU A 316 5.09 17.35 -10.04
CA LEU A 316 3.79 16.73 -9.90
C LEU A 316 2.74 17.79 -10.09
N GLU A 317 2.98 18.96 -9.55
CA GLU A 317 2.07 20.06 -9.79
C GLU A 317 1.87 20.21 -11.26
N ALA A 318 2.98 20.21 -11.99
CA ALA A 318 2.98 20.48 -13.43
C ALA A 318 2.36 19.38 -14.23
N ASP A 319 2.52 18.15 -13.82
CA ASP A 319 2.06 17.03 -14.64
C ASP A 319 0.55 17.03 -14.74
N THR A 320 0.06 16.85 -15.96
CA THR A 320 -1.37 16.84 -16.22
C THR A 320 -2.06 15.57 -15.69
N GLY A 321 -1.30 14.49 -15.55
CA GLY A 321 -1.82 13.21 -15.05
C GLY A 321 -2.24 12.31 -16.20
N GLU A 322 -2.14 12.89 -17.41
CA GLU A 322 -2.66 12.30 -18.62
C GLU A 322 -1.51 11.71 -19.45
N LEU A 323 -1.76 10.54 -20.06
CA LEU A 323 -0.85 9.94 -21.09
C LEU A 323 -0.40 10.91 -22.14
N HIS A 324 0.88 10.88 -22.44
CA HIS A 324 1.38 11.67 -23.54
C HIS A 324 1.72 10.64 -24.58
N ASP A 325 1.16 10.83 -25.78
CA ASP A 325 1.38 9.88 -26.83
C ASP A 325 2.40 10.46 -27.78
N ASP A 326 3.56 9.83 -27.79
CA ASP A 326 4.61 10.23 -28.66
C ASP A 326 4.65 9.32 -29.88
N THR A 327 3.66 8.44 -30.06
CA THR A 327 3.68 7.49 -31.19
C THR A 327 3.44 8.14 -32.54
N GLY A 328 3.61 9.46 -32.61
CA GLY A 328 3.45 10.22 -33.84
C GLY A 328 4.73 10.70 -34.52
N ASP A 329 5.90 10.57 -33.88
CA ASP A 329 7.13 11.10 -34.46
C ASP A 329 8.42 10.25 -34.28
N TYR A 330 8.39 9.23 -33.41
CA TYR A 330 9.56 8.30 -33.25
C TYR A 330 9.22 6.95 -33.89
#